data_7UV7
#
_entry.id   7UV7
#
_cell.length_a   73.493
_cell.length_b   131.392
_cell.length_c   132.464
_cell.angle_alpha   90.000
_cell.angle_beta   90.000
_cell.angle_gamma   90.000
#
_symmetry.space_group_name_H-M   'I 2 2 2'
#
loop_
_entity.id
_entity.type
_entity.pdbx_description
1 polymer "DNA (5'-D(*AP*CP*CP*TP*GP*TP*GP*AP*CP*AP*AP*AP*TP*TP*GP*CP*CP*CP*TP*CP*A)-3')"
2 polymer "DNA (5'-D(*TP*CP*TP*GP*AP*GP*GP*GP*CP*AP*AP*TP*TP*TP*GP*TP*CP*AP*CP*AP*G)-3')"
3 polymer 'Replication initiation protein'
4 polymer "DNA (5'-D(*GP*AP*CP*GP*GP*TP*AP*AP*TP*T)-3')"
5 polymer "DNA (5'-D(*GP*T(TAMRA)P*AP*AP*TP*TP*AP*CP*CP*G)-3')"
6 non-polymer 'MAGNESIUM ION'
7 water water
#
loop_
_entity_poly.entity_id
_entity_poly.type
_entity_poly.pdbx_seq_one_letter_code
_entity_poly.pdbx_strand_id
1 'polydeoxyribonucleotide'
;(DA)(DC)(DC)(DT)(DG)(DT)(DG)(DA)(DC)(DA)(DA)(DA)(DT)(DT)(DG)(DC)(DC)(DC)(DT)(DC)
(DA)
;
A
2 'polydeoxyribonucleotide'
;(DT)(DC)(DT)(DG)(DA)(DG)(DG)(DG)(DC)(DA)(DA)(DT)(DT)(DT)(DG)(DT)(DC)(DA)(DC)(DA)
(DG)
;
B
3 'polypeptide(L)'
;MRGSHHHHHHGSMAETAVINHKKRKNSPRIVQSNDLTEAAYSLSRDQKRMLYLFVDQIRKSDGTLQEHDGICEIHVAKYA
EIFGLTSAEASKDIRQALKSFAGKEVVFYRPEEDAGDEKGYESFPWFIKPAHSPSRGLYSVHINPYLIPFFIGLQNRFTQ
FRLSETKEITNPYAMRLYESLCQYRKPDGSGIVSLKIDWIIERYQLPQSYQRMPDFRRRFLQVCVNEINSRTPMRLSYIE
KKKGRQTTHIVFSFRDITSMTTG
;
C
4 'polydeoxyribonucleotide' (DG)(DA)(DC)(DG)(DG)(DT)(DA)(DA)(DT)(DT) E
5 'polydeoxyribonucleotide' (DG)(DT)(DA)(DA)(DT)(DT)(DA)(DC)(DC)(DG) F
#
# COMPACT_ATOMS: atom_id res chain seq x y z
N ASN C 26 -0.83 11.23 18.26
CA ASN C 26 -0.93 11.31 16.81
C ASN C 26 -0.06 10.22 16.19
N SER C 27 -0.61 9.50 15.21
CA SER C 27 -0.02 8.24 14.80
C SER C 27 1.25 8.44 13.97
N PRO C 28 2.06 7.37 13.82
CA PRO C 28 3.36 7.51 13.15
C PRO C 28 3.17 8.02 11.73
N ARG C 29 4.00 8.98 11.32
CA ARG C 29 3.90 9.58 10.00
C ARG C 29 4.79 8.82 9.01
N ILE C 30 4.11 8.05 8.14
CA ILE C 30 4.75 7.31 7.06
C ILE C 30 5.14 8.27 5.93
N VAL C 31 6.37 8.11 5.43
CA VAL C 31 6.82 8.74 4.20
C VAL C 31 7.49 7.69 3.32
N GLN C 32 7.36 7.86 2.01
CA GLN C 32 7.95 6.92 1.06
C GLN C 32 8.22 7.61 -0.27
N SER C 33 9.27 7.13 -0.95
CA SER C 33 9.54 7.59 -2.30
C SER C 33 8.36 7.32 -3.21
N ASN C 34 8.08 8.28 -4.11
CA ASN C 34 7.04 8.09 -5.11
C ASN C 34 7.30 6.83 -5.94
N ASP C 35 8.57 6.42 -6.06
CA ASP C 35 8.89 5.22 -6.82
C ASP C 35 8.28 3.98 -6.21
N LEU C 36 8.09 3.96 -4.90
CA LEU C 36 7.41 2.84 -4.26
C LEU C 36 5.90 2.96 -4.44
N THR C 37 5.37 4.17 -4.33
CA THR C 37 3.94 4.40 -4.54
C THR C 37 3.50 3.90 -5.91
N GLU C 38 4.38 4.04 -6.91
CA GLU C 38 4.09 3.74 -8.30
C GLU C 38 4.71 2.42 -8.75
N ALA C 39 5.22 1.62 -7.80
CA ALA C 39 5.81 0.35 -8.16
C ALA C 39 4.73 -0.67 -8.49
N ALA C 40 5.13 -1.72 -9.21
CA ALA C 40 4.26 -2.83 -9.52
C ALA C 40 4.52 -3.98 -8.55
N TYR C 41 3.50 -4.37 -7.79
CA TYR C 41 3.60 -5.47 -6.84
C TYR C 41 2.19 -5.87 -6.44
N SER C 42 2.08 -7.04 -5.80
CA SER C 42 0.81 -7.57 -5.30
C SER C 42 1.00 -7.97 -3.84
N LEU C 43 0.48 -7.18 -2.92
CA LEU C 43 0.55 -7.52 -1.50
C LEU C 43 -0.82 -7.45 -0.87
N SER C 44 -1.05 -8.29 0.15
CA SER C 44 -2.26 -8.30 0.94
C SER C 44 -2.28 -7.12 1.92
N ARG C 45 -3.44 -6.93 2.55
CA ARG C 45 -3.57 -5.91 3.59
C ARG C 45 -2.56 -6.13 4.71
N ASP C 46 -2.51 -7.34 5.28
CA ASP C 46 -1.60 -7.61 6.39
C ASP C 46 -0.15 -7.35 6.01
N GLN C 47 0.23 -7.73 4.78
CA GLN C 47 1.58 -7.51 4.31
C GLN C 47 1.88 -6.02 4.17
N LYS C 48 0.92 -5.26 3.64
CA LYS C 48 1.12 -3.81 3.53
C LYS C 48 1.22 -3.16 4.91
N ARG C 49 0.44 -3.67 5.87
CA ARG C 49 0.50 -3.16 7.24
C ARG C 49 1.89 -3.35 7.83
N MET C 50 2.42 -4.58 7.76
CA MET C 50 3.80 -4.80 8.19
C MET C 50 4.79 -3.92 7.43
N LEU C 51 4.61 -3.77 6.11
CA LEU C 51 5.53 -2.98 5.29
C LEU C 51 5.59 -1.53 5.75
N TYR C 52 4.48 -0.99 6.25
CA TYR C 52 4.51 0.39 6.72
C TYR C 52 5.44 0.52 7.93
N LEU C 53 5.45 -0.49 8.80
CA LEU C 53 6.30 -0.43 9.99
C LEU C 53 7.75 -0.62 9.61
N PHE C 54 8.01 -1.50 8.64
CA PHE C 54 9.37 -1.68 8.13
C PHE C 54 9.91 -0.35 7.59
N VAL C 55 9.13 0.32 6.76
CA VAL C 55 9.52 1.62 6.21
C VAL C 55 9.79 2.62 7.33
N ASP C 56 8.99 2.58 8.40
CA ASP C 56 9.26 3.49 9.52
C ASP C 56 10.58 3.17 10.21
N GLN C 57 10.87 1.89 10.46
CA GLN C 57 12.11 1.53 11.13
C GLN C 57 13.31 1.93 10.29
N ILE C 58 13.33 1.49 9.04
CA ILE C 58 14.40 1.82 8.10
C ILE C 58 14.65 3.32 8.06
N ARG C 59 13.58 4.11 7.91
CA ARG C 59 13.73 5.56 7.72
C ARG C 59 14.39 6.25 8.91
N LYS C 60 14.19 5.74 10.13
CA LYS C 60 14.79 6.37 11.30
C LYS C 60 16.22 5.84 11.45
N SER C 61 17.09 6.40 10.62
CA SER C 61 18.51 6.07 10.63
C SER C 61 19.29 7.14 9.86
N HIS C 68 22.83 2.13 7.71
CA HIS C 68 21.98 1.08 8.28
C HIS C 68 22.13 -0.22 7.49
N ASP C 69 21.47 -1.28 7.95
CA ASP C 69 21.73 -2.63 7.44
C ASP C 69 20.50 -3.36 6.91
N GLY C 70 19.28 -2.95 7.24
CA GLY C 70 18.09 -3.58 6.69
C GLY C 70 17.42 -4.67 7.51
N ILE C 71 17.93 -4.98 8.71
CA ILE C 71 17.36 -6.03 9.55
C ILE C 71 16.28 -5.39 10.42
N CYS C 72 15.05 -5.85 10.28
CA CYS C 72 13.93 -5.31 11.04
C CYS C 72 13.33 -6.36 11.98
N GLU C 73 12.38 -5.90 12.81
CA GLU C 73 11.77 -6.69 13.86
C GLU C 73 10.31 -6.30 14.07
N ILE C 74 9.49 -7.26 14.45
CA ILE C 74 8.06 -7.05 14.73
C ILE C 74 7.68 -7.73 16.04
N HIS C 75 7.03 -6.99 16.93
CA HIS C 75 6.50 -7.50 18.19
C HIS C 75 5.00 -7.77 18.05
N VAL C 76 4.59 -8.98 18.41
CA VAL C 76 3.17 -9.36 18.34
C VAL C 76 2.28 -8.39 19.09
N ALA C 77 2.58 -8.12 20.37
CA ALA C 77 1.66 -7.33 21.19
C ALA C 77 1.54 -5.90 20.71
N LYS C 78 2.62 -5.33 20.17
CA LYS C 78 2.52 -3.97 19.63
C LYS C 78 1.69 -3.96 18.36
N TYR C 79 1.91 -4.92 17.46
CA TYR C 79 1.07 -5.01 16.27
C TYR C 79 -0.40 -5.12 16.68
N ALA C 80 -0.70 -5.97 17.66
CA ALA C 80 -2.08 -6.14 18.10
C ALA C 80 -2.66 -4.83 18.61
N GLU C 81 -1.88 -4.08 19.41
CA GLU C 81 -2.40 -2.82 19.95
C GLU C 81 -2.58 -1.77 18.85
N ILE C 82 -1.66 -1.72 17.89
CA ILE C 82 -1.71 -0.72 16.83
C ILE C 82 -2.98 -0.86 15.99
N PHE C 83 -3.31 -2.10 15.59
CA PHE C 83 -4.41 -2.35 14.68
C PHE C 83 -5.64 -2.90 15.37
N GLY C 84 -5.71 -2.75 16.70
CA GLY C 84 -6.84 -3.23 17.48
C GLY C 84 -7.18 -4.68 17.24
N LEU C 85 -6.18 -5.56 17.28
CA LEU C 85 -6.37 -6.99 17.13
C LEU C 85 -6.08 -7.68 18.46
N THR C 86 -6.58 -8.90 18.58
CA THR C 86 -6.13 -9.74 19.68
C THR C 86 -4.72 -10.24 19.43
N SER C 87 -4.07 -10.71 20.50
CA SER C 87 -2.74 -11.29 20.36
C SER C 87 -2.76 -12.51 19.45
N ALA C 88 -3.76 -13.38 19.61
CA ALA C 88 -3.88 -14.56 18.76
C ALA C 88 -4.00 -14.17 17.29
N GLU C 89 -4.95 -13.31 16.96
CA GLU C 89 -5.18 -12.95 15.57
C GLU C 89 -4.02 -12.13 15.00
N ALA C 90 -3.39 -11.30 15.84
CA ALA C 90 -2.13 -10.66 15.45
C ALA C 90 -1.10 -11.70 15.02
N SER C 91 -0.83 -12.66 15.90
CA SER C 91 0.11 -13.74 15.60
C SER C 91 -0.22 -14.43 14.28
N LYS C 92 -1.50 -14.78 14.09
CA LYS C 92 -1.91 -15.41 12.84
C LYS C 92 -1.63 -14.52 11.63
N ASP C 93 -1.90 -13.22 11.74
CA ASP C 93 -1.71 -12.34 10.60
C ASP C 93 -0.23 -12.21 10.27
N ILE C 94 0.60 -11.94 11.28
CA ILE C 94 2.04 -11.85 11.03
C ILE C 94 2.55 -13.15 10.40
N ARG C 95 2.25 -14.29 11.02
CA ARG C 95 2.81 -15.55 10.53
C ARG C 95 2.43 -15.80 9.07
N GLN C 96 1.15 -15.61 8.72
CA GLN C 96 0.76 -15.97 7.37
C GLN C 96 1.27 -14.95 6.35
N ALA C 97 1.21 -13.65 6.68
CA ALA C 97 1.87 -12.64 5.86
C ALA C 97 3.32 -13.02 5.58
N LEU C 98 4.04 -13.43 6.63
CA LEU C 98 5.47 -13.66 6.52
C LEU C 98 5.76 -14.82 5.59
N LYS C 99 5.01 -15.92 5.72
CA LYS C 99 5.24 -17.03 4.80
C LYS C 99 4.71 -16.75 3.40
N SER C 100 3.84 -15.75 3.24
CA SER C 100 3.36 -15.39 1.91
C SER C 100 4.24 -14.37 1.20
N PHE C 101 5.33 -13.91 1.82
CA PHE C 101 6.24 -13.03 1.10
C PHE C 101 7.09 -13.81 0.11
N ALA C 102 7.33 -15.09 0.39
CA ALA C 102 8.20 -15.92 -0.45
C ALA C 102 7.76 -15.88 -1.90
N GLY C 103 8.71 -15.60 -2.79
CA GLY C 103 8.47 -15.50 -4.22
C GLY C 103 7.89 -14.18 -4.71
N LYS C 104 7.41 -13.31 -3.82
CA LYS C 104 6.91 -12.00 -4.21
C LYS C 104 8.04 -11.08 -4.68
N GLU C 105 7.73 -10.23 -5.67
CA GLU C 105 8.69 -9.34 -6.32
C GLU C 105 8.12 -7.93 -6.50
N VAL C 106 9.01 -6.96 -6.67
CA VAL C 106 8.67 -5.55 -6.72
C VAL C 106 9.29 -5.00 -8.00
N VAL C 107 8.54 -4.18 -8.73
CA VAL C 107 9.02 -3.65 -10.00
C VAL C 107 8.98 -2.13 -9.95
N PHE C 108 10.12 -1.50 -10.24
CA PHE C 108 10.20 -0.06 -10.39
C PHE C 108 10.42 0.23 -11.88
N TYR C 109 9.53 1.00 -12.48
CA TYR C 109 9.56 1.18 -13.93
C TYR C 109 10.41 2.38 -14.33
N TYR C 121 12.14 -0.39 -15.38
CA TYR C 121 11.70 -1.77 -15.31
C TYR C 121 12.76 -2.63 -14.64
N GLU C 122 12.68 -2.71 -13.31
CA GLU C 122 13.65 -3.44 -12.49
C GLU C 122 12.90 -4.16 -11.38
N SER C 123 13.11 -5.46 -11.27
CA SER C 123 12.42 -6.33 -10.33
C SER C 123 13.36 -6.80 -9.23
N PHE C 124 12.86 -6.81 -7.99
CA PHE C 124 13.63 -7.21 -6.81
C PHE C 124 12.76 -8.09 -5.93
N PRO C 125 13.35 -9.03 -5.20
CA PRO C 125 12.62 -9.71 -4.13
C PRO C 125 12.61 -8.87 -2.86
N TRP C 126 11.50 -8.95 -2.12
CA TRP C 126 11.39 -8.21 -0.87
C TRP C 126 12.36 -8.74 0.19
N PHE C 127 12.38 -10.06 0.39
CA PHE C 127 13.19 -10.72 1.41
C PHE C 127 14.32 -11.51 0.78
N ILE C 128 15.47 -11.54 1.45
CA ILE C 128 16.60 -12.32 0.97
C ILE C 128 16.94 -13.45 1.95
N LYS C 129 16.13 -13.64 2.98
CA LYS C 129 16.26 -14.73 3.94
C LYS C 129 14.89 -14.96 4.56
N PRO C 130 14.55 -16.21 4.90
CA PRO C 130 13.26 -16.43 5.56
C PRO C 130 13.20 -15.69 6.88
N ALA C 131 11.99 -15.32 7.29
CA ALA C 131 11.80 -14.79 8.62
C ALA C 131 12.05 -15.87 9.66
N HIS C 132 12.33 -15.43 10.88
CA HIS C 132 12.56 -16.36 11.96
C HIS C 132 12.33 -15.64 13.28
N SER C 133 12.01 -16.42 14.30
CA SER C 133 11.66 -15.92 15.62
C SER C 133 12.72 -16.27 16.66
N PRO C 134 13.54 -15.32 17.10
CA PRO C 134 14.46 -15.64 18.21
C PRO C 134 13.73 -15.84 19.52
N SER C 135 12.73 -15.01 19.81
CA SER C 135 12.00 -15.08 21.06
C SER C 135 10.51 -15.24 20.77
N ARG C 136 9.80 -15.81 21.73
CA ARG C 136 8.36 -15.97 21.59
C ARG C 136 7.69 -14.59 21.51
N GLY C 137 6.88 -14.40 20.47
CA GLY C 137 6.21 -13.13 20.26
C GLY C 137 7.02 -12.09 19.52
N LEU C 138 8.10 -12.49 18.86
CA LEU C 138 9.07 -11.58 18.25
C LEU C 138 9.50 -12.19 16.93
N TYR C 139 9.50 -11.40 15.88
CA TYR C 139 9.96 -11.88 14.59
C TYR C 139 11.06 -10.97 14.07
N SER C 140 12.08 -11.56 13.44
CA SER C 140 13.18 -10.84 12.83
C SER C 140 13.20 -11.12 11.34
N VAL C 141 13.31 -10.07 10.53
CA VAL C 141 13.18 -10.17 9.09
C VAL C 141 14.35 -9.43 8.43
N HIS C 142 14.73 -9.91 7.24
CA HIS C 142 15.87 -9.38 6.49
C HIS C 142 15.35 -8.83 5.16
N ILE C 143 15.00 -7.54 5.14
CA ILE C 143 14.58 -6.89 3.89
C ILE C 143 15.79 -6.72 2.99
N ASN C 144 15.59 -6.95 1.68
CA ASN C 144 16.62 -6.71 0.68
C ASN C 144 17.20 -5.31 0.84
N PRO C 145 18.44 -5.20 1.31
CA PRO C 145 19.06 -3.87 1.48
C PRO C 145 19.14 -3.05 0.22
N TYR C 146 19.11 -3.69 -0.95
CA TYR C 146 19.09 -2.96 -2.21
C TYR C 146 17.79 -2.19 -2.40
N LEU C 147 16.77 -2.45 -1.59
CA LEU C 147 15.54 -1.67 -1.64
C LEU C 147 15.66 -0.37 -0.85
N ILE C 148 16.62 -0.29 0.09
CA ILE C 148 16.73 0.89 0.96
C ILE C 148 16.67 2.21 0.19
N PRO C 149 17.50 2.46 -0.83
CA PRO C 149 17.47 3.77 -1.48
C PRO C 149 16.14 4.07 -2.14
N PHE C 150 15.38 3.03 -2.52
CA PHE C 150 14.05 3.24 -3.07
C PHE C 150 13.05 3.70 -2.02
N PHE C 151 13.26 3.37 -0.74
CA PHE C 151 12.33 3.82 0.29
C PHE C 151 12.55 5.28 0.67
N ILE C 152 13.82 5.68 0.80
CA ILE C 152 14.18 7.02 1.23
C ILE C 152 14.96 7.68 0.11
N GLY C 153 14.36 8.72 -0.47
CA GLY C 153 15.00 9.46 -1.54
C GLY C 153 15.47 10.84 -1.15
N ARG C 157 9.93 14.91 -4.16
CA ARG C 157 9.51 13.76 -4.96
C ARG C 157 9.10 12.60 -4.06
N PHE C 158 8.15 12.84 -3.17
CA PHE C 158 7.83 11.87 -2.11
C PHE C 158 6.35 11.93 -1.75
N THR C 159 5.90 10.87 -1.07
CA THR C 159 4.53 10.68 -0.65
C THR C 159 4.51 10.54 0.88
N GLN C 160 3.51 11.12 1.53
CA GLN C 160 3.47 11.03 2.98
C GLN C 160 2.05 11.04 3.52
N PHE C 161 1.84 10.26 4.57
CA PHE C 161 0.52 10.13 5.20
C PHE C 161 0.76 9.55 6.58
N ARG C 162 -0.12 9.91 7.52
CA ARG C 162 -0.07 9.30 8.85
C ARG C 162 -0.77 7.95 8.86
N LEU C 163 -0.26 7.05 9.72
CA LEU C 163 -0.70 5.65 9.68
C LEU C 163 -2.16 5.50 10.07
N SER C 164 -2.68 6.41 10.90
CA SER C 164 -4.10 6.39 11.24
C SER C 164 -5.00 6.60 10.04
N GLU C 165 -4.49 7.19 8.95
CA GLU C 165 -5.32 7.37 7.76
C GLU C 165 -5.71 6.05 7.09
N THR C 166 -4.85 5.02 7.18
CA THR C 166 -5.05 3.78 6.42
C THR C 166 -5.32 2.54 7.26
N LYS C 167 -5.25 2.61 8.59
CA LYS C 167 -5.24 1.37 9.35
C LYS C 167 -6.60 0.73 9.45
N GLU C 168 -7.67 1.41 9.04
CA GLU C 168 -8.98 0.79 8.99
C GLU C 168 -9.36 0.31 7.60
N ILE C 169 -8.60 0.66 6.56
CA ILE C 169 -8.89 0.18 5.22
C ILE C 169 -8.66 -1.32 5.17
N THR C 170 -9.56 -2.04 4.50
CA THR C 170 -9.48 -3.49 4.36
C THR C 170 -8.97 -3.94 3.00
N ASN C 171 -9.49 -3.36 1.92
CA ASN C 171 -9.10 -3.80 0.58
C ASN C 171 -7.72 -3.27 0.23
N PRO C 172 -6.76 -4.13 -0.16
CA PRO C 172 -5.41 -3.64 -0.43
C PRO C 172 -5.32 -2.72 -1.63
N TYR C 173 -6.17 -2.94 -2.64
CA TYR C 173 -6.23 -2.04 -3.78
C TYR C 173 -6.66 -0.64 -3.36
N ALA C 174 -7.51 -0.54 -2.34
CA ALA C 174 -7.91 0.77 -1.85
C ALA C 174 -6.77 1.45 -1.08
N MET C 175 -5.94 0.68 -0.38
CA MET C 175 -4.71 1.24 0.17
C MET C 175 -3.79 1.77 -0.94
N ARG C 176 -3.65 1.00 -2.02
N ARG C 176 -3.65 1.00 -2.02
CA ARG C 176 -2.84 1.44 -3.16
CA ARG C 176 -2.85 1.44 -3.16
C ARG C 176 -3.37 2.76 -3.74
C ARG C 176 -3.38 2.75 -3.73
N LEU C 177 -4.69 2.82 -3.96
CA LEU C 177 -5.31 4.04 -4.45
C LEU C 177 -5.13 5.22 -3.49
N TYR C 178 -5.30 4.98 -2.19
CA TYR C 178 -5.16 6.09 -1.26
C TYR C 178 -3.71 6.58 -1.19
N GLU C 179 -2.75 5.69 -1.41
CA GLU C 179 -1.36 6.11 -1.42
C GLU C 179 -1.09 6.95 -2.66
N SER C 180 -1.60 6.48 -3.81
CA SER C 180 -1.39 7.21 -5.06
C SER C 180 -2.08 8.58 -5.04
N LEU C 181 -3.21 8.70 -4.33
CA LEU C 181 -3.83 10.01 -4.20
C LEU C 181 -3.03 10.89 -3.25
N CYS C 182 -2.50 10.32 -2.16
CA CYS C 182 -1.67 11.11 -1.24
C CYS C 182 -0.47 11.71 -1.96
N GLN C 183 0.11 10.97 -2.91
CA GLN C 183 1.24 11.46 -3.68
C GLN C 183 0.98 12.84 -4.31
N TYR C 184 -0.28 13.19 -4.55
CA TYR C 184 -0.64 14.46 -5.17
C TYR C 184 -1.33 15.43 -4.21
N ARG C 185 -1.39 15.09 -2.92
CA ARG C 185 -2.15 15.91 -1.99
C ARG C 185 -1.44 17.24 -1.75
N LYS C 186 -2.23 18.27 -1.48
CA LYS C 186 -1.72 19.60 -1.15
C LYS C 186 -1.66 19.78 0.36
N PRO C 187 -0.83 20.73 0.85
CA PRO C 187 -0.77 21.01 2.29
C PRO C 187 -2.11 21.06 2.97
N ASP C 188 -3.04 21.81 2.37
CA ASP C 188 -4.36 21.99 2.96
C ASP C 188 -5.19 20.71 2.96
N GLY C 189 -4.96 19.82 2.00
CA GLY C 189 -5.52 18.49 2.13
C GLY C 189 -6.32 18.09 0.91
N SER C 190 -6.25 18.89 -0.15
CA SER C 190 -7.02 18.65 -1.36
C SER C 190 -6.10 18.28 -2.52
N GLY C 191 -6.70 17.76 -3.58
CA GLY C 191 -5.95 17.50 -4.80
C GLY C 191 -6.84 17.00 -5.92
N ILE C 192 -6.23 16.89 -7.10
CA ILE C 192 -6.90 16.42 -8.31
C ILE C 192 -5.85 15.77 -9.22
N VAL C 193 -6.17 14.60 -9.76
CA VAL C 193 -5.21 13.84 -10.58
C VAL C 193 -5.97 12.94 -11.56
N SER C 194 -5.38 12.74 -12.74
CA SER C 194 -5.93 11.86 -13.77
C SER C 194 -5.05 10.64 -13.94
N LEU C 195 -5.58 9.46 -13.64
CA LEU C 195 -4.86 8.19 -13.76
C LEU C 195 -5.35 7.37 -14.94
N LYS C 196 -4.40 6.79 -15.68
CA LYS C 196 -4.71 5.95 -16.84
C LYS C 196 -5.11 4.55 -16.38
N ILE C 197 -6.12 3.98 -17.05
CA ILE C 197 -6.67 2.70 -16.61
C ILE C 197 -5.65 1.58 -16.72
N ASP C 198 -4.96 1.53 -17.87
CA ASP C 198 -3.93 0.52 -18.09
C ASP C 198 -2.80 0.63 -17.08
N TRP C 199 -2.40 1.86 -16.74
CA TRP C 199 -1.34 2.03 -15.77
C TRP C 199 -1.79 1.60 -14.37
N ILE C 200 -3.07 1.86 -14.03
CA ILE C 200 -3.63 1.33 -12.79
C ILE C 200 -3.54 -0.19 -12.74
N ILE C 201 -3.90 -0.84 -13.85
CA ILE C 201 -3.94 -2.31 -13.87
C ILE C 201 -2.53 -2.87 -13.76
N GLU C 202 -1.58 -2.26 -14.47
N GLU C 202 -1.57 -2.26 -14.46
CA GLU C 202 -0.20 -2.74 -14.47
CA GLU C 202 -0.22 -2.79 -14.43
C GLU C 202 0.49 -2.48 -13.13
C GLU C 202 0.56 -2.43 -13.17
N ARG C 203 0.15 -1.38 -12.46
CA ARG C 203 0.83 -1.01 -11.23
C ARG C 203 0.26 -1.75 -10.01
N TYR C 204 -1.05 -1.84 -9.90
CA TYR C 204 -1.64 -2.51 -8.75
C TYR C 204 -1.79 -4.01 -8.99
N GLN C 205 -1.48 -4.46 -10.21
N GLN C 205 -1.45 -4.47 -10.18
CA GLN C 205 -1.58 -5.86 -10.60
CA GLN C 205 -1.57 -5.90 -10.56
C GLN C 205 -2.99 -6.40 -10.35
C GLN C 205 -3.00 -6.40 -10.34
N LEU C 206 -3.96 -5.71 -10.94
CA LEU C 206 -5.34 -6.13 -10.84
C LEU C 206 -5.55 -7.44 -11.60
N PRO C 207 -6.49 -8.28 -11.16
CA PRO C 207 -6.70 -9.57 -11.82
C PRO C 207 -7.38 -9.40 -13.18
N GLN C 208 -7.26 -10.45 -14.00
CA GLN C 208 -7.48 -10.32 -15.44
C GLN C 208 -8.92 -9.94 -15.78
N SER C 209 -9.90 -10.43 -15.02
CA SER C 209 -11.28 -10.13 -15.34
C SER C 209 -11.62 -8.65 -15.15
N TYR C 210 -10.75 -7.87 -14.53
CA TYR C 210 -10.98 -6.43 -14.40
C TYR C 210 -10.51 -5.68 -15.63
N GLN C 211 -10.00 -6.39 -16.63
CA GLN C 211 -9.84 -5.84 -17.97
C GLN C 211 -11.17 -5.64 -18.67
N ARG C 212 -12.26 -6.21 -18.15
CA ARG C 212 -13.62 -5.88 -18.57
C ARG C 212 -14.14 -4.72 -17.73
N MET C 213 -14.41 -3.59 -18.39
CA MET C 213 -14.71 -2.35 -17.66
C MET C 213 -15.87 -2.43 -16.67
N PRO C 214 -17.01 -3.09 -16.96
CA PRO C 214 -18.08 -3.12 -15.93
C PRO C 214 -17.70 -3.83 -14.65
N ASP C 215 -16.86 -4.86 -14.74
CA ASP C 215 -16.37 -5.50 -13.51
C ASP C 215 -15.36 -4.59 -12.81
N PHE C 216 -14.54 -3.89 -13.59
CA PHE C 216 -13.63 -2.91 -13.03
C PHE C 216 -14.40 -1.90 -12.18
N ARG C 217 -15.49 -1.35 -12.74
CA ARG C 217 -16.35 -0.43 -12.01
C ARG C 217 -16.92 -1.08 -10.75
N ARG C 218 -17.51 -2.28 -10.89
CA ARG C 218 -18.35 -2.79 -9.81
C ARG C 218 -17.52 -3.32 -8.64
N ARG C 219 -16.43 -4.03 -8.94
CA ARG C 219 -15.69 -4.73 -7.91
C ARG C 219 -14.41 -4.03 -7.47
N PHE C 220 -13.96 -2.99 -8.19
CA PHE C 220 -12.78 -2.27 -7.77
C PHE C 220 -13.06 -0.80 -7.50
N LEU C 221 -13.49 -0.04 -8.51
CA LEU C 221 -13.59 1.41 -8.38
C LEU C 221 -14.61 1.82 -7.32
N GLN C 222 -15.86 1.38 -7.47
CA GLN C 222 -16.90 1.81 -6.53
C GLN C 222 -16.58 1.36 -5.12
N VAL C 223 -16.07 0.12 -4.97
CA VAL C 223 -15.82 -0.41 -3.63
C VAL C 223 -14.68 0.36 -2.96
N CYS C 224 -13.61 0.66 -3.69
CA CYS C 224 -12.47 1.31 -3.06
C CYS C 224 -12.74 2.79 -2.80
N VAL C 225 -13.51 3.45 -3.66
CA VAL C 225 -13.92 4.81 -3.34
C VAL C 225 -14.84 4.83 -2.14
N ASN C 226 -15.79 3.88 -2.06
CA ASN C 226 -16.68 3.83 -0.90
C ASN C 226 -15.91 3.53 0.38
N GLU C 227 -14.94 2.61 0.32
CA GLU C 227 -14.09 2.36 1.47
C GLU C 227 -13.36 3.62 1.90
N ILE C 228 -12.68 4.29 0.96
CA ILE C 228 -11.97 5.53 1.28
C ILE C 228 -12.88 6.54 1.97
N ASN C 229 -14.06 6.77 1.38
CA ASN C 229 -15.04 7.70 1.94
C ASN C 229 -15.60 7.26 3.29
N SER C 230 -15.54 5.97 3.62
CA SER C 230 -16.12 5.51 4.87
C SER C 230 -15.10 5.28 5.96
N ARG C 231 -13.82 5.16 5.60
CA ARG C 231 -12.78 4.69 6.50
C ARG C 231 -11.59 5.62 6.65
N THR C 232 -11.50 6.69 5.85
CA THR C 232 -10.39 7.63 5.97
C THR C 232 -10.91 9.03 6.25
N PRO C 233 -10.04 9.98 6.61
CA PRO C 233 -10.49 11.38 6.74
C PRO C 233 -10.55 12.11 5.40
N MET C 234 -10.51 11.36 4.31
CA MET C 234 -10.60 11.93 2.97
C MET C 234 -12.04 11.88 2.47
N ARG C 235 -12.36 12.81 1.57
CA ARG C 235 -13.64 12.83 0.88
C ARG C 235 -13.35 12.90 -0.61
N LEU C 236 -13.74 11.85 -1.33
CA LEU C 236 -13.23 11.55 -2.67
C LEU C 236 -14.37 11.50 -3.68
N SER C 237 -14.14 12.08 -4.86
CA SER C 237 -15.08 11.98 -5.97
C SER C 237 -14.30 11.68 -7.25
N TYR C 238 -15.02 11.30 -8.30
CA TYR C 238 -14.35 10.99 -9.56
C TYR C 238 -15.32 11.15 -10.71
N ILE C 239 -14.76 11.16 -11.92
CA ILE C 239 -15.50 11.19 -13.17
C ILE C 239 -14.65 10.46 -14.19
N GLU C 240 -15.31 9.89 -15.20
CA GLU C 240 -14.62 9.05 -16.16
C GLU C 240 -14.30 9.85 -17.42
N LYS C 241 -13.08 9.67 -17.92
CA LYS C 241 -12.66 10.31 -19.17
C LYS C 241 -12.65 9.23 -20.24
N LYS C 242 -13.28 9.51 -21.38
CA LYS C 242 -13.42 8.54 -22.45
C LYS C 242 -12.80 9.02 -23.75
N LYS C 243 -12.51 8.04 -24.61
CA LYS C 243 -12.04 8.27 -25.98
C LYS C 243 -12.70 7.21 -26.85
N GLY C 244 -13.66 7.63 -27.66
CA GLY C 244 -14.53 6.74 -28.40
C GLY C 244 -15.45 6.00 -27.44
N ARG C 245 -15.57 4.68 -27.60
CA ARG C 245 -16.37 3.90 -26.67
C ARG C 245 -15.59 3.47 -25.42
N GLN C 246 -14.27 3.52 -25.46
CA GLN C 246 -13.45 3.05 -24.36
C GLN C 246 -13.24 4.18 -23.36
N THR C 247 -13.28 3.82 -22.08
CA THR C 247 -12.94 4.74 -21.00
C THR C 247 -11.45 4.57 -20.75
N THR C 248 -10.70 5.66 -20.79
CA THR C 248 -9.24 5.59 -20.77
C THR C 248 -8.62 6.09 -19.47
N HIS C 249 -9.16 7.12 -18.84
CA HIS C 249 -8.61 7.61 -17.59
C HIS C 249 -9.75 7.79 -16.59
N ILE C 250 -9.35 7.90 -15.32
CA ILE C 250 -10.25 8.30 -14.24
C ILE C 250 -9.65 9.53 -13.57
N VAL C 251 -10.47 10.55 -13.37
CA VAL C 251 -10.05 11.82 -12.81
C VAL C 251 -10.59 11.92 -11.38
N PHE C 252 -9.68 11.97 -10.41
CA PHE C 252 -10.02 11.98 -9.00
C PHE C 252 -9.85 13.40 -8.46
N SER C 253 -10.86 13.89 -7.75
CA SER C 253 -10.77 15.09 -6.95
C SER C 253 -11.06 14.75 -5.50
N PHE C 254 -10.38 15.41 -4.57
CA PHE C 254 -10.60 15.12 -3.16
C PHE C 254 -10.28 16.36 -2.32
N ARG C 255 -10.90 16.41 -1.14
CA ARG C 255 -10.63 17.43 -0.14
C ARG C 255 -10.56 16.74 1.22
N ASP C 256 -10.19 17.50 2.26
CA ASP C 256 -10.07 16.97 3.61
C ASP C 256 -11.21 17.46 4.49
N ILE C 257 -11.69 16.58 5.38
CA ILE C 257 -12.76 16.93 6.29
C ILE C 257 -12.17 17.63 7.52
#